data_5R2D
#
_entry.id   5R2D
#
_cell.length_a   45.387
_cell.length_b   72.949
_cell.length_c   52.834
_cell.angle_alpha   90.000
_cell.angle_beta   109.690
_cell.angle_gamma   90.000
#
_symmetry.space_group_name_H-M   'P 1 21 1'
#
loop_
_entity.id
_entity.type
_entity.pdbx_description
1 polymer Endothiapepsin
2 non-polymer 1-cyclopentyl-3-[[(2~{S})-oxolan-2-yl]methyl]urea
3 water water
#
_entity_poly.entity_id   1
_entity_poly.type   'polypeptide(L)'
_entity_poly.pdbx_seq_one_letter_code
;MSSPLKNALVTAMLAGGALSSPTKQHVGIPVNASPEVGPGKYSFKQVRNPNYKFNGPLSVKKTYLKYGVPIPAWLEDAVQ
NSTSGLAERSTGSATTTPIDSLDDAYITPVQIGTPAQTLNLDFDTGSSDLWVFSSETTASEVDGQTIYTPSKSTTAKLLS
GATWSISYGDGSSSSGDVYTDTVSVGGLTVTGQAVESAKKVSSSFTEDSTIDGLLGLAFSTLNTVSPTQQKTFFDNAKAS
LDSPVFTADLGYHAPGTYNFGFIDTTAYTGSITYTAVSTKQGFWEWTSTGYAVGSGTFKSTSIDGIADTGTTLLYLPATV
VSAYWAQVSGAKSSSSVGGYVFPCSATLPSFTFGVGSARIVIPGDYIDFGPISTGSSSCFGGIQSSAGIGINIFGDVALK
AAFVVFNGATTPTLGFASK
;
_entity_poly.pdbx_strand_id   A
#
loop_
_chem_comp.id
_chem_comp.type
_chem_comp.name
_chem_comp.formula
REG non-polymer 1-cyclopentyl-3-[[(2~{S})-oxolan-2-yl]methyl]urea 'C11 H20 N2 O2'
#
# COMPACT_ATOMS: atom_id res chain seq x y z
N SER A 90 9.83 21.74 4.56
CA SER A 90 8.55 21.37 5.21
C SER A 90 8.53 19.88 5.52
N THR A 91 7.60 19.50 6.38
CA THR A 91 7.33 18.09 6.68
C THR A 91 5.83 17.91 6.87
N GLY A 92 5.40 16.65 6.84
CA GLY A 92 4.07 16.28 7.28
C GLY A 92 4.11 14.96 8.02
N SER A 93 3.10 14.73 8.85
CA SER A 93 3.01 13.49 9.63
C SER A 93 1.54 13.20 9.86
N ALA A 94 1.08 12.02 9.46
CA ALA A 94 -0.32 11.65 9.63
C ALA A 94 -0.41 10.21 10.13
N THR A 95 -1.38 9.98 11.00
CA THR A 95 -1.67 8.63 11.48
C THR A 95 -2.48 7.89 10.44
N THR A 96 -2.13 6.62 10.24
CA THR A 96 -2.84 5.72 9.36
C THR A 96 -3.46 4.60 10.20
N THR A 97 -4.70 4.23 9.89
CA THR A 97 -5.51 3.40 10.79
C THR A 97 -6.05 2.21 10.00
N PRO A 98 -5.95 0.99 10.52
CA PRO A 98 -6.56 -0.15 9.82
CA PRO A 98 -6.55 -0.15 9.82
C PRO A 98 -8.06 0.04 9.66
N ILE A 99 -8.58 -0.40 8.52
CA ILE A 99 -10.00 -0.24 8.24
C ILE A 99 -10.85 -1.27 8.96
N ASP A 100 -10.26 -2.35 9.45
CA ASP A 100 -10.99 -3.45 10.06
C ASP A 100 -10.02 -4.23 10.93
N SER A 101 -10.54 -5.26 11.58
CA SER A 101 -9.79 -6.05 12.56
C SER A 101 -8.72 -6.93 11.93
N LEU A 102 -8.69 -7.05 10.61
CA LEU A 102 -7.73 -7.88 9.91
C LEU A 102 -6.60 -7.07 9.29
N ASP A 103 -6.64 -5.74 9.40
CA ASP A 103 -5.69 -4.90 8.68
C ASP A 103 -5.81 -5.10 7.17
N ASP A 104 -7.06 -5.28 6.68
CA ASP A 104 -7.34 -5.51 5.24
C ASP A 104 -6.85 -4.34 4.38
N ALA A 105 -6.69 -3.14 4.95
CA ALA A 105 -6.15 -1.88 4.36
C ALA A 105 -5.99 -0.82 5.46
N TYR A 106 -5.36 0.33 5.17
CA TYR A 106 -5.14 1.41 6.11
C TYR A 106 -5.64 2.70 5.48
N ILE A 107 -6.28 3.54 6.29
CA ILE A 107 -6.79 4.83 5.83
C ILE A 107 -6.12 5.96 6.59
N THR A 108 -5.86 7.04 5.87
CA THR A 108 -5.16 8.21 6.36
C THR A 108 -6.00 9.44 6.00
N PRO A 109 -6.28 10.32 6.95
CA PRO A 109 -7.08 11.50 6.63
C PRO A 109 -6.29 12.48 5.78
N VAL A 110 -6.99 13.05 4.79
CA VAL A 110 -6.43 13.96 3.81
C VAL A 110 -7.38 15.14 3.67
N GLN A 111 -6.86 16.35 3.79
CA GLN A 111 -7.64 17.56 3.62
C GLN A 111 -7.59 18.01 2.16
N ILE A 112 -8.76 18.18 1.54
CA ILE A 112 -8.86 18.58 0.15
C ILE A 112 -9.74 19.83 0.06
N GLY A 113 -9.22 20.87 -0.59
CA GLY A 113 -10.05 22.01 -0.88
C GLY A 113 -10.08 23.07 0.21
N THR A 114 -10.88 24.10 -0.07
CA THR A 114 -11.04 25.26 0.81
C THR A 114 -12.51 25.64 0.89
N PRO A 115 -13.14 25.59 2.06
CA PRO A 115 -12.62 25.02 3.31
C PRO A 115 -12.30 23.54 3.12
N ALA A 116 -11.49 23.01 4.01
CA ALA A 116 -11.06 21.63 3.88
C ALA A 116 -12.25 20.68 3.89
N GLN A 117 -12.17 19.68 3.03
CA GLN A 117 -13.02 18.50 3.05
C GLN A 117 -12.09 17.34 3.37
N THR A 118 -12.31 16.70 4.51
CA THR A 118 -11.41 15.63 4.95
C THR A 118 -11.98 14.29 4.47
N LEU A 119 -11.18 13.58 3.69
CA LEU A 119 -11.49 12.25 3.19
C LEU A 119 -10.43 11.28 3.71
N ASN A 120 -10.84 10.04 3.94
CA ASN A 120 -9.93 9.01 4.42
C ASN A 120 -9.47 8.17 3.24
N LEU A 121 -8.21 8.35 2.86
CA LEU A 121 -7.68 7.75 1.65
C LEU A 121 -6.73 6.60 1.97
N ASP A 122 -6.53 5.82 0.91
CA ASP A 122 -5.70 4.63 0.95
C ASP A 122 -4.39 4.99 0.32
N PHE A 123 -3.41 5.15 1.17
CA PHE A 123 -2.12 5.52 0.61
C PHE A 123 -1.50 4.30 -0.04
N ASP A 124 -1.12 4.49 -1.30
CA ASP A 124 -0.84 3.37 -2.20
C ASP A 124 0.50 3.57 -2.85
N THR A 125 1.53 2.87 -2.35
CA THR A 125 2.82 2.96 -3.02
C THR A 125 2.92 2.12 -4.28
N GLY A 126 1.89 1.41 -4.72
CA GLY A 126 1.88 0.67 -5.98
C GLY A 126 0.98 1.30 -7.03
N SER A 127 0.53 2.55 -6.85
CA SER A 127 -0.15 3.26 -7.94
C SER A 127 0.12 4.74 -7.79
N SER A 128 -0.35 5.53 -8.77
CA SER A 128 0.11 6.92 -8.89
C SER A 128 -1.02 7.90 -9.18
N ASP A 129 -2.25 7.53 -8.84
CA ASP A 129 -3.42 8.39 -8.98
C ASP A 129 -3.95 8.73 -7.59
N LEU A 130 -4.30 9.99 -7.39
CA LEU A 130 -5.03 10.44 -6.20
C LEU A 130 -6.46 10.62 -6.69
N TRP A 131 -7.33 9.68 -6.33
CA TRP A 131 -8.71 9.74 -6.76
C TRP A 131 -9.64 9.61 -5.56
N VAL A 132 -10.81 10.21 -5.70
CA VAL A 132 -11.77 10.30 -4.60
C VAL A 132 -13.19 10.03 -5.06
N PHE A 133 -13.95 9.43 -4.16
CA PHE A 133 -15.41 9.50 -4.26
C PHE A 133 -15.82 10.98 -4.24
N SER A 134 -16.85 11.31 -5.01
CA SER A 134 -17.17 12.72 -5.21
C SER A 134 -18.66 12.91 -5.43
N SER A 135 -19.05 14.18 -5.48
CA SER A 135 -20.40 14.54 -5.87
C SER A 135 -20.72 14.13 -7.29
N GLU A 136 -19.72 13.77 -8.10
CA GLU A 136 -19.90 13.30 -9.47
C GLU A 136 -20.04 11.79 -9.56
N THR A 137 -19.80 11.05 -8.47
CA THR A 137 -19.84 9.60 -8.55
C THR A 137 -21.29 9.14 -8.70
N THR A 138 -21.52 8.24 -9.65
CA THR A 138 -22.83 7.64 -9.86
C THR A 138 -23.45 7.29 -8.51
N ALA A 139 -24.67 7.79 -8.28
CA ALA A 139 -25.24 7.74 -6.92
C ALA A 139 -25.34 6.31 -6.40
N SER A 140 -25.72 5.37 -7.26
CA SER A 140 -25.89 3.99 -6.81
C SER A 140 -24.56 3.32 -6.48
N GLU A 141 -23.44 3.94 -6.82
CA GLU A 141 -22.12 3.40 -6.53
C GLU A 141 -21.50 4.01 -5.28
N VAL A 142 -22.23 4.86 -4.58
CA VAL A 142 -21.80 5.44 -3.31
C VAL A 142 -22.64 4.79 -2.21
N ASP A 143 -21.97 4.25 -1.21
CA ASP A 143 -22.64 3.56 -0.11
C ASP A 143 -21.84 3.82 1.17
N GLY A 144 -21.96 5.03 1.70
CA GLY A 144 -21.39 5.37 2.99
C GLY A 144 -20.08 6.12 2.96
N GLN A 145 -19.44 6.22 1.80
CA GLN A 145 -18.19 6.96 1.71
C GLN A 145 -18.43 8.46 1.89
N THR A 146 -17.40 9.15 2.36
CA THR A 146 -17.39 10.60 2.34
C THR A 146 -16.95 11.06 0.97
N ILE A 147 -17.64 12.06 0.43
CA ILE A 147 -17.40 12.52 -0.93
C ILE A 147 -16.76 13.90 -0.91
N TYR A 148 -15.94 14.14 -1.95
CA TYR A 148 -15.42 15.45 -2.29
C TYR A 148 -16.41 16.15 -3.22
N THR A 149 -16.77 17.39 -2.88
CA THR A 149 -17.67 18.19 -3.70
C THR A 149 -16.88 19.39 -4.19
N PRO A 150 -16.34 19.33 -5.41
CA PRO A 150 -15.47 20.44 -5.85
C PRO A 150 -16.19 21.77 -5.93
N SER A 151 -17.49 21.79 -6.18
CA SER A 151 -18.20 23.06 -6.28
C SER A 151 -18.22 23.81 -4.96
N LYS A 152 -17.96 23.13 -3.84
CA LYS A 152 -17.91 23.77 -2.53
C LYS A 152 -16.50 24.19 -2.13
N SER A 153 -15.52 23.95 -2.98
CA SER A 153 -14.14 24.33 -2.71
C SER A 153 -13.79 25.53 -3.55
N THR A 154 -13.44 26.63 -2.88
CA THR A 154 -13.14 27.86 -3.61
C THR A 154 -11.82 27.79 -4.35
N THR A 155 -10.98 26.79 -4.06
CA THR A 155 -9.70 26.62 -4.73
C THR A 155 -9.73 25.54 -5.80
N ALA A 156 -10.85 24.83 -5.97
CA ALA A 156 -10.93 23.80 -6.99
C ALA A 156 -11.05 24.43 -8.38
N LYS A 157 -10.38 23.82 -9.34
CA LYS A 157 -10.49 24.23 -10.73
CA LYS A 157 -10.46 24.22 -10.73
C LYS A 157 -10.55 22.97 -11.59
N LEU A 158 -11.55 22.92 -12.47
CA LEU A 158 -11.63 21.80 -13.39
C LEU A 158 -10.40 21.81 -14.28
N LEU A 159 -9.77 20.66 -14.44
CA LEU A 159 -8.64 20.51 -15.36
C LEU A 159 -9.27 20.16 -16.71
N SER A 160 -9.34 21.15 -17.58
CA SER A 160 -10.16 21.05 -18.78
CA SER A 160 -10.16 21.04 -18.77
C SER A 160 -9.70 19.92 -19.67
N GLY A 161 -10.64 19.05 -20.03
CA GLY A 161 -10.40 17.96 -20.96
C GLY A 161 -9.75 16.73 -20.37
N ALA A 162 -9.39 16.77 -19.10
CA ALA A 162 -8.64 15.68 -18.50
C ALA A 162 -9.59 14.61 -17.98
N THR A 163 -9.25 13.36 -18.27
CA THR A 163 -9.98 12.22 -17.72
C THR A 163 -8.96 11.22 -17.18
N TRP A 164 -9.46 10.26 -16.41
CA TRP A 164 -8.62 9.22 -15.85
C TRP A 164 -9.40 7.93 -15.79
N SER A 165 -8.68 6.82 -15.78
CA SER A 165 -9.29 5.50 -15.71
C SER A 165 -8.21 4.52 -15.26
N ILE A 166 -8.48 3.78 -14.20
CA ILE A 166 -7.49 2.91 -13.61
C ILE A 166 -8.11 1.55 -13.33
N SER A 167 -7.31 0.51 -13.49
CA SER A 167 -7.68 -0.86 -13.17
C SER A 167 -6.56 -1.44 -12.31
N TYR A 168 -6.95 -2.10 -11.24
CA TYR A 168 -5.98 -2.62 -10.28
C TYR A 168 -5.84 -4.13 -10.45
N GLY A 169 -4.83 -4.68 -9.78
CA GLY A 169 -4.45 -6.09 -9.85
C GLY A 169 -5.44 -7.02 -9.19
N ASP A 170 -6.37 -6.49 -8.37
CA ASP A 170 -7.49 -7.27 -7.78
C ASP A 170 -8.72 -7.19 -8.69
N GLY A 171 -8.61 -6.55 -9.84
CA GLY A 171 -9.76 -6.50 -10.72
C GLY A 171 -10.67 -5.31 -10.51
N SER A 172 -10.38 -4.48 -9.54
CA SER A 172 -11.20 -3.31 -9.23
C SER A 172 -10.83 -2.17 -10.17
N SER A 173 -11.64 -1.15 -10.24
CA SER A 173 -11.43 -0.06 -11.19
C SER A 173 -12.22 1.16 -10.79
N SER A 174 -11.84 2.29 -11.38
CA SER A 174 -12.55 3.55 -11.21
C SER A 174 -12.11 4.49 -12.33
N SER A 175 -12.92 5.53 -12.57
CA SER A 175 -12.62 6.47 -13.64
C SER A 175 -13.40 7.76 -13.41
N GLY A 176 -12.98 8.82 -14.10
CA GLY A 176 -13.70 10.09 -13.97
C GLY A 176 -12.97 11.25 -14.62
N ASP A 177 -13.18 12.43 -14.05
CA ASP A 177 -12.60 13.69 -14.52
C ASP A 177 -11.65 14.22 -13.45
N VAL A 178 -11.11 15.41 -13.64
CA VAL A 178 -9.97 15.86 -12.84
C VAL A 178 -10.13 17.32 -12.46
N TYR A 179 -9.87 17.61 -11.20
CA TYR A 179 -9.74 18.96 -10.69
C TYR A 179 -8.32 19.16 -10.18
N THR A 180 -7.89 20.41 -10.13
CA THR A 180 -6.75 20.73 -9.26
C THR A 180 -7.29 21.43 -8.02
N ASP A 181 -6.65 21.15 -6.89
CA ASP A 181 -7.07 21.74 -5.64
C ASP A 181 -5.92 21.65 -4.65
N THR A 182 -6.11 22.29 -3.51
CA THR A 182 -5.15 22.22 -2.42
C THR A 182 -5.36 20.94 -1.63
N VAL A 183 -4.28 20.20 -1.41
CA VAL A 183 -4.34 18.94 -0.69
C VAL A 183 -3.31 18.98 0.43
N SER A 184 -3.72 18.64 1.64
CA SER A 184 -2.81 18.62 2.78
C SER A 184 -2.88 17.26 3.46
N VAL A 185 -1.70 16.77 3.86
CA VAL A 185 -1.56 15.52 4.60
C VAL A 185 -0.72 15.81 5.83
N GLY A 186 -1.31 15.65 7.00
CA GLY A 186 -0.53 15.75 8.20
C GLY A 186 0.22 17.06 8.34
N GLY A 187 -0.37 18.15 7.85
CA GLY A 187 0.24 19.46 7.92
C GLY A 187 1.11 19.86 6.74
N LEU A 188 1.32 18.98 5.77
CA LEU A 188 2.06 19.28 4.55
C LEU A 188 1.08 19.61 3.44
N THR A 189 1.23 20.78 2.81
CA THR A 189 0.27 21.26 1.84
C THR A 189 0.88 21.37 0.45
N VAL A 190 0.13 20.84 -0.52
CA VAL A 190 0.43 21.00 -1.95
C VAL A 190 -0.70 21.78 -2.58
N THR A 191 -0.38 22.88 -3.25
CA THR A 191 -1.37 23.56 -4.07
C THR A 191 -1.33 23.02 -5.50
N GLY A 192 -2.47 23.06 -6.17
CA GLY A 192 -2.53 22.61 -7.55
C GLY A 192 -2.37 21.12 -7.73
N GLN A 193 -2.66 20.32 -6.70
CA GLN A 193 -2.63 18.87 -6.82
C GLN A 193 -3.78 18.39 -7.70
N ALA A 194 -3.49 17.46 -8.61
CA ALA A 194 -4.55 16.81 -9.37
C ALA A 194 -5.33 15.88 -8.46
N VAL A 195 -6.62 16.17 -8.32
CA VAL A 195 -7.57 15.40 -7.55
C VAL A 195 -8.53 14.79 -8.57
N GLU A 196 -8.45 13.47 -8.72
CA GLU A 196 -9.19 12.75 -9.75
C GLU A 196 -10.55 12.38 -9.16
N SER A 197 -11.60 12.97 -9.69
CA SER A 197 -12.94 12.81 -9.16
C SER A 197 -13.60 11.62 -9.87
N ALA A 198 -14.05 10.64 -9.10
CA ALA A 198 -14.65 9.46 -9.69
C ALA A 198 -16.06 9.75 -10.19
N LYS A 199 -16.32 9.42 -11.45
CA LYS A 199 -17.67 9.29 -11.95
C LYS A 199 -18.18 7.86 -11.80
N LYS A 200 -17.29 6.87 -11.86
CA LYS A 200 -17.62 5.46 -11.77
C LYS A 200 -16.59 4.78 -10.88
N VAL A 201 -17.06 3.86 -10.05
CA VAL A 201 -16.19 2.98 -9.29
C VAL A 201 -16.77 1.57 -9.39
N SER A 202 -15.90 0.57 -9.28
CA SER A 202 -16.35 -0.81 -9.33
C SER A 202 -16.91 -1.25 -7.97
N SER A 203 -17.55 -2.42 -7.98
CA SER A 203 -18.36 -2.84 -6.85
C SER A 203 -17.55 -2.95 -5.56
N SER A 204 -16.28 -3.39 -5.65
CA SER A 204 -15.52 -3.55 -4.43
C SER A 204 -15.29 -2.23 -3.72
N PHE A 205 -15.22 -1.16 -4.48
CA PHE A 205 -15.03 0.19 -3.89
C PHE A 205 -16.35 0.60 -3.25
N THR A 206 -17.45 0.42 -3.96
CA THR A 206 -18.75 0.77 -3.40
C THR A 206 -19.01 0.04 -2.09
N GLU A 207 -18.63 -1.23 -2.04
CA GLU A 207 -18.96 -2.10 -0.92
C GLU A 207 -18.08 -1.85 0.29
N ASP A 208 -17.05 -1.03 0.15
CA ASP A 208 -16.16 -0.71 1.27
C ASP A 208 -16.40 0.74 1.66
N SER A 209 -17.22 0.93 2.69
CA SER A 209 -17.60 2.27 3.09
C SER A 209 -16.48 3.03 3.75
N THR A 210 -15.39 2.37 4.12
CA THR A 210 -14.34 2.99 4.92
C THR A 210 -13.27 3.70 4.09
N ILE A 211 -13.13 3.36 2.77
CA ILE A 211 -12.09 3.96 1.89
C ILE A 211 -12.78 4.97 0.99
N ASP A 212 -12.43 6.27 1.11
CA ASP A 212 -13.02 7.37 0.33
C ASP A 212 -12.24 7.64 -0.95
N GLY A 213 -11.19 6.89 -1.21
CA GLY A 213 -10.35 7.06 -2.38
C GLY A 213 -8.95 6.58 -2.09
N LEU A 214 -8.06 6.86 -3.07
CA LEU A 214 -6.67 6.42 -3.08
C LEU A 214 -5.73 7.61 -3.21
N LEU A 215 -4.61 7.49 -2.56
CA LEU A 215 -3.55 8.47 -2.76
C LEU A 215 -2.31 7.71 -3.21
N GLY A 216 -2.02 7.79 -4.50
CA GLY A 216 -0.93 7.03 -5.08
C GLY A 216 0.43 7.63 -4.74
N LEU A 217 1.37 6.76 -4.43
CA LEU A 217 2.73 7.12 -4.04
C LEU A 217 3.79 6.35 -4.82
N ALA A 218 3.41 5.67 -5.91
CA ALA A 218 4.37 5.13 -6.85
C ALA A 218 4.88 6.27 -7.74
N PHE A 219 5.61 5.94 -8.79
CA PHE A 219 6.22 6.97 -9.62
C PHE A 219 5.19 7.57 -10.58
N SER A 220 5.33 8.86 -10.86
CA SER A 220 4.30 9.56 -11.63
C SER A 220 4.17 9.04 -13.06
N THR A 221 5.15 8.31 -13.57
CA THR A 221 5.01 7.66 -14.87
C THR A 221 3.81 6.73 -14.97
N LEU A 222 3.28 6.24 -13.85
CA LEU A 222 2.09 5.39 -13.86
C LEU A 222 0.78 6.16 -13.78
N ASN A 223 0.80 7.47 -13.60
CA ASN A 223 -0.43 8.21 -13.46
C ASN A 223 -1.28 8.10 -14.74
N THR A 224 -2.59 7.89 -14.57
CA THR A 224 -3.45 7.58 -15.71
C THR A 224 -4.12 8.80 -16.34
N VAL A 225 -3.90 10.00 -15.84
CA VAL A 225 -4.61 11.15 -16.41
C VAL A 225 -4.21 11.36 -17.85
N SER A 226 -5.21 11.59 -18.70
CA SER A 226 -5.06 11.83 -20.12
C SER A 226 -5.82 13.10 -20.48
N PRO A 227 -5.30 13.92 -21.41
CA PRO A 227 -4.11 13.72 -22.24
C PRO A 227 -2.80 14.21 -21.62
N THR A 228 -2.87 14.79 -20.41
CA THR A 228 -1.70 15.35 -19.75
C THR A 228 -1.53 14.61 -18.42
N GLN A 229 -0.51 13.75 -18.35
CA GLN A 229 -0.25 13.00 -17.13
C GLN A 229 0.04 13.96 -15.99
N GLN A 230 -0.40 13.59 -14.79
CA GLN A 230 -0.28 14.41 -13.59
C GLN A 230 0.68 13.78 -12.58
N LYS A 231 1.18 14.63 -11.69
CA LYS A 231 2.13 14.20 -10.67
C LYS A 231 1.45 13.76 -9.38
N THR A 232 2.11 12.82 -8.70
CA THR A 232 1.62 12.40 -7.39
C THR A 232 1.82 13.52 -6.36
N PHE A 233 1.12 13.36 -5.24
CA PHE A 233 1.27 14.26 -4.11
C PHE A 233 2.73 14.36 -3.68
N PHE A 234 3.42 13.23 -3.59
CA PHE A 234 4.81 13.23 -3.18
C PHE A 234 5.69 13.95 -4.19
N ASP A 235 5.47 13.69 -5.48
CA ASP A 235 6.25 14.37 -6.51
C ASP A 235 6.07 15.88 -6.43
N ASN A 236 4.83 16.34 -6.21
CA ASN A 236 4.57 17.76 -6.08
C ASN A 236 5.19 18.35 -4.82
N ALA A 237 5.22 17.61 -3.73
CA ALA A 237 5.73 18.13 -2.47
C ALA A 237 7.25 18.06 -2.36
N LYS A 238 7.92 17.19 -3.12
N LYS A 238 7.88 17.19 -3.16
CA LYS A 238 9.25 16.74 -2.69
CA LYS A 238 9.23 16.73 -2.88
C LYS A 238 10.30 17.85 -2.71
C LYS A 238 10.19 17.89 -2.68
N ALA A 239 10.20 18.83 -3.61
CA ALA A 239 11.20 19.90 -3.61
C ALA A 239 11.08 20.78 -2.38
N SER A 240 9.88 20.85 -1.78
CA SER A 240 9.66 21.66 -0.59
C SER A 240 10.04 20.94 0.69
N LEU A 241 10.12 19.61 0.65
CA LEU A 241 10.37 18.83 1.85
C LEU A 241 11.79 19.04 2.36
N ASP A 242 11.97 18.89 3.68
CA ASP A 242 13.30 18.98 4.26
C ASP A 242 14.24 17.96 3.62
N SER A 243 13.75 16.75 3.37
CA SER A 243 14.47 15.70 2.69
CA SER A 243 14.47 15.70 2.68
C SER A 243 13.47 15.03 1.76
N PRO A 244 13.88 14.58 0.57
CA PRO A 244 12.91 14.07 -0.42
C PRO A 244 12.52 12.62 -0.19
N VAL A 245 11.85 12.39 0.94
CA VAL A 245 11.55 11.05 1.41
C VAL A 245 10.16 11.03 2.01
N PHE A 246 9.57 9.84 2.06
CA PHE A 246 8.45 9.58 2.94
C PHE A 246 8.67 8.22 3.58
N THR A 247 8.02 8.00 4.71
CA THR A 247 8.19 6.74 5.44
C THR A 247 6.82 6.17 5.76
N ALA A 248 6.78 4.84 5.74
CA ALA A 248 5.60 4.07 6.10
C ALA A 248 5.91 3.24 7.32
N ASP A 249 5.10 3.40 8.35
CA ASP A 249 5.23 2.69 9.62
C ASP A 249 3.86 2.14 9.95
N LEU A 250 3.49 1.04 9.30
CA LEU A 250 2.17 0.47 9.46
C LEU A 250 2.10 -0.39 10.71
N GLY A 251 0.99 -0.31 11.42
CA GLY A 251 0.80 -1.08 12.63
C GLY A 251 0.18 -2.44 12.38
N TYR A 252 0.47 -3.38 13.27
CA TYR A 252 -0.23 -4.66 13.30
C TYR A 252 -1.41 -4.51 14.24
N HIS A 253 -2.61 -4.58 13.67
CA HIS A 253 -3.85 -4.45 14.43
C HIS A 253 -3.82 -3.17 15.28
N ALA A 254 -3.26 -2.10 14.72
CA ALA A 254 -3.08 -0.86 15.46
C ALA A 254 -2.76 0.25 14.46
N PRO A 255 -2.96 1.50 14.84
CA PRO A 255 -2.57 2.61 13.96
C PRO A 255 -1.05 2.69 13.81
N GLY A 256 -0.67 3.39 12.76
CA GLY A 256 0.71 3.66 12.44
C GLY A 256 0.83 5.06 11.87
N THR A 257 1.91 5.32 11.12
CA THR A 257 2.24 6.67 10.71
C THR A 257 2.82 6.71 9.31
N TYR A 258 2.39 7.70 8.53
CA TYR A 258 3.08 8.13 7.31
C TYR A 258 3.71 9.49 7.60
N ASN A 259 5.03 9.57 7.40
CA ASN A 259 5.75 10.83 7.52
C ASN A 259 6.28 11.25 6.16
N PHE A 260 6.31 12.56 5.92
CA PHE A 260 6.85 13.15 4.70
C PHE A 260 7.94 14.13 5.08
N GLY A 261 9.12 13.95 4.49
CA GLY A 261 10.18 14.92 4.57
C GLY A 261 11.19 14.71 5.66
N PHE A 262 11.03 13.68 6.49
CA PHE A 262 11.97 13.43 7.58
C PHE A 262 11.88 11.98 8.00
N ILE A 263 12.93 11.50 8.63
N ILE A 263 12.98 11.51 8.58
CA ILE A 263 13.02 10.13 9.14
CA ILE A 263 13.12 10.20 9.21
C ILE A 263 13.05 10.21 10.67
C ILE A 263 12.95 10.40 10.71
N ASP A 264 11.99 9.70 11.30
CA ASP A 264 11.82 9.71 12.75
C ASP A 264 12.74 8.62 13.32
N THR A 265 13.88 9.03 13.86
CA THR A 265 14.86 8.08 14.35
C THR A 265 14.42 7.38 15.62
N THR A 266 13.30 7.79 16.22
CA THR A 266 12.77 7.08 17.38
C THR A 266 11.79 5.98 17.00
N ALA A 267 11.48 5.83 15.71
CA ALA A 267 10.41 4.94 15.27
C ALA A 267 10.90 3.56 14.87
N TYR A 268 12.19 3.27 14.99
CA TYR A 268 12.71 1.97 14.60
C TYR A 268 13.86 1.60 15.53
N THR A 269 14.22 0.34 15.50
CA THR A 269 15.37 -0.16 16.24
C THR A 269 16.52 -0.41 15.27
N GLY A 270 17.74 -0.44 15.81
CA GLY A 270 18.88 -0.72 14.98
C GLY A 270 19.06 0.31 13.90
N SER A 271 19.53 -0.15 12.74
N SER A 271 19.54 -0.14 12.74
CA SER A 271 19.83 0.71 11.61
CA SER A 271 19.83 0.71 11.61
C SER A 271 18.85 0.45 10.47
C SER A 271 18.88 0.44 10.45
N ILE A 272 18.76 1.43 9.58
CA ILE A 272 18.00 1.28 8.34
C ILE A 272 18.97 0.75 7.28
N THR A 273 18.61 -0.37 6.65
CA THR A 273 19.37 -0.89 5.52
C THR A 273 18.72 -0.43 4.24
N TYR A 274 19.48 0.28 3.41
CA TYR A 274 19.00 0.76 2.13
C TYR A 274 19.38 -0.22 1.03
N THR A 275 18.51 -0.27 0.03
CA THR A 275 18.64 -1.21 -1.08
C THR A 275 18.18 -0.52 -2.36
N ALA A 276 18.74 -0.98 -3.47
CA ALA A 276 18.51 -0.34 -4.75
C ALA A 276 17.08 -0.51 -5.24
N VAL A 277 16.62 0.48 -5.99
CA VAL A 277 15.28 0.50 -6.58
C VAL A 277 15.40 0.61 -8.08
N SER A 278 14.60 -0.16 -8.80
CA SER A 278 14.35 0.05 -10.21
C SER A 278 13.01 0.75 -10.37
N THR A 279 13.00 1.85 -11.12
CA THR A 279 11.77 2.55 -11.44
C THR A 279 11.24 2.19 -12.84
N LYS A 280 11.80 1.15 -13.46
CA LYS A 280 11.51 0.85 -14.85
C LYS A 280 10.05 0.47 -15.07
N GLN A 281 9.38 -0.11 -14.07
CA GLN A 281 7.97 -0.44 -14.17
C GLN A 281 7.10 0.56 -13.43
N GLY A 282 7.68 1.65 -12.92
CA GLY A 282 6.94 2.67 -12.22
C GLY A 282 6.71 2.41 -10.75
N PHE A 283 7.18 1.28 -10.21
CA PHE A 283 6.99 0.88 -8.80
C PHE A 283 8.28 1.07 -8.00
N TRP A 284 8.13 1.00 -6.70
CA TRP A 284 9.26 0.89 -5.78
C TRP A 284 9.71 -0.57 -5.79
N GLU A 285 10.44 -0.92 -6.85
CA GLU A 285 10.81 -2.30 -7.14
C GLU A 285 12.24 -2.54 -6.66
N TRP A 286 12.44 -3.63 -5.93
CA TRP A 286 13.71 -3.91 -5.28
C TRP A 286 13.91 -5.42 -5.29
N THR A 287 15.07 -5.86 -4.80
CA THR A 287 15.40 -7.28 -4.79
C THR A 287 15.76 -7.71 -3.37
N SER A 288 14.89 -8.51 -2.78
CA SER A 288 15.19 -9.13 -1.49
C SER A 288 16.27 -10.18 -1.68
N THR A 289 17.07 -10.37 -0.64
CA THR A 289 18.20 -11.29 -0.68
C THR A 289 17.84 -12.71 -0.21
N GLY A 290 16.62 -12.96 0.23
CA GLY A 290 16.21 -14.32 0.53
C GLY A 290 15.19 -14.38 1.64
N TYR A 291 15.04 -15.58 2.20
CA TYR A 291 13.98 -15.77 3.18
C TYR A 291 14.32 -16.91 4.12
N ALA A 292 13.60 -16.92 5.25
CA ALA A 292 13.59 -18.08 6.14
C ALA A 292 12.17 -18.30 6.62
N VAL A 293 11.86 -19.54 6.96
CA VAL A 293 10.56 -19.93 7.53
C VAL A 293 10.79 -20.31 8.98
N GLY A 294 10.10 -19.61 9.89
CA GLY A 294 10.26 -19.89 11.31
C GLY A 294 11.71 -19.81 11.71
N SER A 295 12.16 -20.79 12.50
CA SER A 295 13.54 -20.86 12.97
CA SER A 295 13.54 -20.86 12.97
C SER A 295 14.46 -21.55 11.99
N GLY A 296 13.99 -21.80 10.77
CA GLY A 296 14.79 -22.50 9.78
C GLY A 296 15.93 -21.66 9.22
N THR A 297 16.76 -22.33 8.43
CA THR A 297 17.93 -21.67 7.88
C THR A 297 17.52 -20.67 6.79
N PHE A 298 18.30 -19.60 6.69
CA PHE A 298 18.03 -18.60 5.68
C PHE A 298 18.47 -19.10 4.32
N LYS A 299 17.58 -18.96 3.34
CA LYS A 299 17.85 -19.32 1.95
C LYS A 299 18.21 -18.04 1.21
N SER A 300 19.45 -17.97 0.73
CA SER A 300 19.91 -16.83 -0.05
C SER A 300 19.46 -17.00 -1.49
N THR A 301 18.58 -16.11 -1.94
CA THR A 301 18.03 -16.16 -3.27
C THR A 301 17.44 -14.79 -3.57
N SER A 302 17.61 -14.33 -4.80
CA SER A 302 17.13 -13.01 -5.18
C SER A 302 15.65 -13.06 -5.48
N ILE A 303 14.88 -12.19 -4.82
CA ILE A 303 13.43 -12.12 -5.03
C ILE A 303 13.11 -10.68 -5.40
N ASP A 304 12.85 -10.44 -6.67
CA ASP A 304 12.49 -9.10 -7.15
CA ASP A 304 12.49 -9.11 -7.15
C ASP A 304 11.01 -8.86 -6.86
N GLY A 305 10.71 -7.72 -6.25
CA GLY A 305 9.32 -7.44 -5.97
C GLY A 305 9.13 -5.96 -5.68
N ILE A 306 7.91 -5.56 -5.33
CA ILE A 306 7.71 -4.13 -5.09
C ILE A 306 7.24 -3.98 -3.65
N ALA A 307 7.48 -2.81 -3.15
CA ALA A 307 6.98 -2.38 -1.85
C ALA A 307 5.66 -1.68 -2.08
N ASP A 308 4.56 -2.34 -1.70
CA ASP A 308 3.17 -1.94 -1.99
C ASP A 308 2.29 -1.85 -0.74
N THR A 309 2.14 -0.56 -0.31
CA THR A 309 1.27 -0.36 0.84
C THR A 309 -0.21 -0.58 0.53
N GLY A 310 -0.46 -0.40 -0.77
CA GLY A 310 -1.84 -0.64 -1.19
C GLY A 310 -2.18 -2.11 -1.43
N THR A 311 -1.23 -3.04 -1.31
CA THR A 311 -1.55 -4.48 -1.42
C THR A 311 -1.59 -5.06 0.00
N THR A 312 -2.63 -5.78 0.36
CA THR A 312 -2.77 -6.28 1.76
C THR A 312 -1.80 -7.38 2.17
N LEU A 313 -1.62 -8.40 1.32
CA LEU A 313 -0.87 -9.63 1.62
C LEU A 313 0.54 -9.60 0.99
N LEU A 314 1.29 -10.63 1.31
CA LEU A 314 2.64 -10.84 0.80
C LEU A 314 2.56 -11.90 -0.30
N TYR A 315 2.91 -11.48 -1.52
CA TYR A 315 2.82 -12.33 -2.71
C TYR A 315 4.24 -12.68 -3.16
N LEU A 316 4.58 -13.99 -3.13
CA LEU A 316 5.94 -14.45 -3.40
C LEU A 316 5.92 -15.65 -4.34
N PRO A 317 7.06 -16.05 -4.86
CA PRO A 317 7.07 -17.18 -5.80
C PRO A 317 6.50 -18.44 -5.16
N ALA A 318 5.92 -19.28 -6.02
CA ALA A 318 5.23 -20.47 -5.52
C ALA A 318 6.14 -21.38 -4.72
N THR A 319 7.42 -21.45 -5.07
CA THR A 319 8.35 -22.28 -4.32
C THR A 319 8.47 -21.81 -2.87
N VAL A 320 8.60 -20.49 -2.69
CA VAL A 320 8.78 -19.90 -1.38
C VAL A 320 7.51 -20.11 -0.55
N VAL A 321 6.37 -19.85 -1.18
CA VAL A 321 5.09 -19.96 -0.48
C VAL A 321 4.80 -21.40 -0.07
N SER A 322 5.13 -22.36 -0.94
CA SER A 322 4.96 -23.76 -0.58
C SER A 322 5.84 -24.13 0.61
N ALA A 323 7.09 -23.63 0.62
CA ALA A 323 7.99 -23.91 1.73
C ALA A 323 7.43 -23.36 3.04
N TYR A 324 6.80 -22.19 3.01
CA TYR A 324 6.19 -21.64 4.22
C TYR A 324 5.05 -22.52 4.70
N TRP A 325 4.06 -22.77 3.83
CA TRP A 325 2.84 -23.44 4.28
C TRP A 325 3.08 -24.91 4.61
N ALA A 326 4.16 -25.50 4.10
CA ALA A 326 4.51 -26.86 4.47
C ALA A 326 4.81 -26.99 5.94
N GLN A 327 5.11 -25.88 6.62
CA GLN A 327 5.39 -25.89 8.05
C GLN A 327 4.13 -25.68 8.90
N VAL A 328 2.95 -25.67 8.28
CA VAL A 328 1.68 -25.50 8.98
C VAL A 328 0.85 -26.74 8.72
N SER A 329 0.66 -27.57 9.74
CA SER A 329 -0.05 -28.83 9.54
CA SER A 329 -0.06 -28.83 9.56
C SER A 329 -1.47 -28.56 9.07
N GLY A 330 -1.85 -29.20 7.98
CA GLY A 330 -3.18 -29.08 7.43
C GLY A 330 -3.35 -27.94 6.45
N ALA A 331 -2.34 -27.09 6.25
CA ALA A 331 -2.48 -26.00 5.29
C ALA A 331 -2.41 -26.56 3.88
N LYS A 332 -3.18 -25.94 2.98
CA LYS A 332 -3.22 -26.39 1.60
C LYS A 332 -3.67 -25.23 0.73
N SER A 333 -3.30 -25.31 -0.54
CA SER A 333 -3.82 -24.36 -1.52
C SER A 333 -5.18 -24.82 -2.01
N SER A 334 -6.15 -23.93 -1.90
CA SER A 334 -7.53 -24.20 -2.27
C SER A 334 -7.86 -23.40 -3.53
N SER A 335 -8.11 -24.10 -4.64
CA SER A 335 -8.50 -23.38 -5.84
CA SER A 335 -8.50 -23.41 -5.86
C SER A 335 -9.85 -22.71 -5.67
N SER A 336 -10.75 -23.32 -4.92
CA SER A 336 -12.08 -22.73 -4.75
C SER A 336 -12.02 -21.47 -3.91
N VAL A 337 -11.18 -21.46 -2.87
CA VAL A 337 -11.08 -20.27 -2.04
C VAL A 337 -10.22 -19.21 -2.71
N GLY A 338 -9.20 -19.61 -3.45
CA GLY A 338 -8.31 -18.68 -4.11
C GLY A 338 -6.95 -18.51 -3.48
N GLY A 339 -6.47 -19.50 -2.75
CA GLY A 339 -5.14 -19.44 -2.21
C GLY A 339 -4.98 -20.42 -1.07
N TYR A 340 -3.87 -20.27 -0.37
CA TYR A 340 -3.58 -21.10 0.78
C TYR A 340 -4.49 -20.76 1.94
N VAL A 341 -5.04 -21.81 2.54
CA VAL A 341 -5.85 -21.77 3.73
C VAL A 341 -5.21 -22.70 4.74
N PHE A 342 -5.56 -22.50 6.00
CA PHE A 342 -4.96 -23.29 7.07
C PHE A 342 -5.95 -23.43 8.21
N PRO A 343 -5.79 -24.46 9.04
CA PRO A 343 -6.72 -24.63 10.15
C PRO A 343 -6.60 -23.47 11.12
N CYS A 344 -7.74 -22.92 11.52
CA CYS A 344 -7.68 -21.76 12.40
C CYS A 344 -7.04 -22.10 13.74
N SER A 345 -6.98 -23.39 14.12
CA SER A 345 -6.33 -23.83 15.34
C SER A 345 -4.79 -23.83 15.26
N ALA A 346 -4.22 -23.59 14.09
CA ALA A 346 -2.77 -23.65 13.93
C ALA A 346 -2.08 -22.47 14.61
N THR A 347 -0.85 -22.70 15.02
CA THR A 347 0.08 -21.62 15.37
C THR A 347 1.00 -21.40 14.17
N LEU A 348 1.00 -20.19 13.61
CA LEU A 348 1.76 -19.95 12.39
C LEU A 348 3.22 -19.61 12.71
N PRO A 349 4.15 -20.12 11.92
CA PRO A 349 5.56 -19.71 12.06
C PRO A 349 5.78 -18.32 11.49
N SER A 350 6.85 -17.68 11.95
CA SER A 350 7.26 -16.42 11.37
C SER A 350 7.80 -16.63 9.97
N PHE A 351 7.98 -15.53 9.26
CA PHE A 351 8.59 -15.50 7.94
C PHE A 351 9.59 -14.36 7.92
N THR A 352 10.84 -14.64 7.55
CA THR A 352 11.89 -13.64 7.49
C THR A 352 12.21 -13.35 6.04
N PHE A 353 12.36 -12.07 5.70
CA PHE A 353 12.88 -11.71 4.39
C PHE A 353 14.15 -10.88 4.52
N GLY A 354 15.03 -11.01 3.54
CA GLY A 354 16.30 -10.32 3.55
C GLY A 354 16.25 -8.97 2.84
N VAL A 355 16.94 -8.01 3.44
CA VAL A 355 17.19 -6.71 2.84
C VAL A 355 18.70 -6.54 2.93
N GLY A 356 19.41 -6.75 1.83
CA GLY A 356 20.85 -6.84 1.92
C GLY A 356 21.22 -7.89 2.94
N SER A 357 22.14 -7.56 3.84
CA SER A 357 22.53 -8.48 4.90
CA SER A 357 22.53 -8.48 4.91
C SER A 357 21.58 -8.44 6.10
N ALA A 358 20.64 -7.52 6.11
CA ALA A 358 19.69 -7.40 7.20
C ALA A 358 18.50 -8.34 7.01
N ARG A 359 17.73 -8.50 8.07
CA ARG A 359 16.64 -9.46 8.11
C ARG A 359 15.44 -8.80 8.78
N ILE A 360 14.28 -8.89 8.13
CA ILE A 360 13.01 -8.42 8.69
C ILE A 360 12.18 -9.64 9.02
N VAL A 361 11.74 -9.74 10.27
CA VAL A 361 10.97 -10.88 10.74
C VAL A 361 9.50 -10.51 10.83
N ILE A 362 8.68 -11.23 10.06
CA ILE A 362 7.22 -11.11 10.11
C ILE A 362 6.71 -12.13 11.12
N PRO A 363 6.17 -11.73 12.27
CA PRO A 363 5.64 -12.72 13.21
C PRO A 363 4.52 -13.53 12.58
N GLY A 364 4.40 -14.79 13.05
CA GLY A 364 3.37 -15.66 12.52
C GLY A 364 1.97 -15.07 12.57
N ASP A 365 1.64 -14.38 13.66
N ASP A 365 1.63 -14.36 13.64
CA ASP A 365 0.29 -13.82 13.80
CA ASP A 365 0.25 -13.89 13.71
C ASP A 365 -0.04 -12.86 12.66
C ASP A 365 -0.05 -12.76 12.74
N TYR A 366 0.96 -12.18 12.09
CA TYR A 366 0.70 -11.23 11.03
C TYR A 366 0.20 -11.91 9.76
N ILE A 367 0.36 -13.24 9.68
CA ILE A 367 0.04 -14.02 8.50
C ILE A 367 -1.36 -14.63 8.59
N ASP A 368 -2.07 -14.39 9.69
CA ASP A 368 -3.42 -14.91 9.89
C ASP A 368 -4.45 -13.88 9.43
N PHE A 369 -5.22 -14.23 8.39
CA PHE A 369 -6.30 -13.36 7.91
C PHE A 369 -7.68 -13.91 8.22
N GLY A 370 -7.76 -14.83 9.17
CA GLY A 370 -9.03 -15.18 9.78
C GLY A 370 -9.88 -16.10 8.93
N PRO A 371 -11.04 -16.46 9.46
CA PRO A 371 -11.90 -17.43 8.79
C PRO A 371 -12.26 -17.00 7.37
N ILE A 372 -12.32 -17.99 6.47
CA ILE A 372 -12.61 -17.70 5.07
C ILE A 372 -14.03 -17.18 4.90
N SER A 373 -14.92 -17.58 5.79
CA SER A 373 -16.30 -17.10 5.87
C SER A 373 -16.67 -17.17 7.33
N THR A 374 -17.66 -16.38 7.73
CA THR A 374 -17.99 -16.29 9.14
C THR A 374 -18.30 -17.67 9.71
N GLY A 375 -17.65 -18.00 10.82
CA GLY A 375 -17.88 -19.26 11.50
C GLY A 375 -17.04 -20.41 11.00
N SER A 376 -16.31 -20.25 9.90
CA SER A 376 -15.50 -21.33 9.39
C SER A 376 -14.27 -21.55 10.27
N SER A 377 -13.82 -22.81 10.35
CA SER A 377 -12.54 -23.12 10.97
C SER A 377 -11.38 -23.19 9.98
N SER A 378 -11.61 -22.82 8.74
CA SER A 378 -10.54 -22.65 7.75
CA SER A 378 -10.55 -22.65 7.75
C SER A 378 -10.22 -21.17 7.65
N CYS A 379 -8.94 -20.85 7.78
CA CYS A 379 -8.47 -19.47 7.82
C CYS A 379 -7.65 -19.16 6.58
N PHE A 380 -7.70 -17.90 6.16
CA PHE A 380 -6.99 -17.48 4.96
C PHE A 380 -5.57 -17.03 5.28
N GLY A 381 -4.61 -17.51 4.50
CA GLY A 381 -3.23 -17.18 4.74
C GLY A 381 -2.81 -15.81 4.20
N GLY A 382 -1.84 -15.22 4.89
CA GLY A 382 -1.33 -13.91 4.52
C GLY A 382 -0.13 -13.90 3.60
N ILE A 383 0.39 -15.07 3.29
CA ILE A 383 1.44 -15.28 2.31
C ILE A 383 0.82 -16.13 1.20
N GLN A 384 0.87 -15.61 -0.03
CA GLN A 384 0.21 -16.25 -1.15
C GLN A 384 1.13 -16.21 -2.36
N SER A 385 0.86 -17.10 -3.32
CA SER A 385 1.67 -17.16 -4.52
C SER A 385 1.44 -15.97 -5.44
N SER A 386 2.53 -15.46 -5.99
CA SER A 386 2.46 -14.42 -7.01
C SER A 386 2.36 -14.98 -8.42
N ALA A 387 2.25 -16.30 -8.58
N ALA A 387 2.28 -16.30 -8.58
CA ALA A 387 2.10 -16.88 -9.90
CA ALA A 387 2.45 -16.90 -9.90
C ALA A 387 0.79 -16.41 -10.52
C ALA A 387 1.50 -16.30 -10.92
N GLY A 388 0.86 -15.91 -11.74
N GLY A 388 0.26 -16.01 -10.53
CA GLY A 388 -0.28 -15.34 -12.41
CA GLY A 388 -0.73 -15.45 -11.42
C GLY A 388 -0.45 -13.86 -12.19
C GLY A 388 -0.72 -13.94 -11.55
N ILE A 389 0.05 -13.08 -10.87
N ILE A 389 0.06 -13.09 -10.87
CA ILE A 389 0.20 -11.60 -10.86
CA ILE A 389 0.20 -11.60 -10.86
C ILE A 389 1.36 -11.11 -11.76
C ILE A 389 1.36 -11.12 -11.76
N GLY A 390 2.41 -11.91 -11.99
CA GLY A 390 3.48 -11.43 -12.82
C GLY A 390 4.52 -10.62 -12.09
N ILE A 391 4.32 -10.40 -10.79
CA ILE A 391 5.27 -9.63 -9.99
C ILE A 391 5.11 -9.97 -8.54
N ASN A 392 6.23 -10.11 -7.82
CA ASN A 392 6.13 -10.34 -6.39
C ASN A 392 5.78 -9.04 -5.69
N ILE A 393 4.97 -9.11 -4.63
CA ILE A 393 4.47 -7.90 -3.95
C ILE A 393 4.73 -8.01 -2.43
N PHE A 394 5.57 -7.16 -1.94
CA PHE A 394 5.75 -6.98 -0.50
C PHE A 394 4.68 -6.01 -0.05
N GLY A 395 3.49 -6.57 0.22
CA GLY A 395 2.35 -5.81 0.69
C GLY A 395 2.39 -5.62 2.19
N ASP A 396 1.23 -5.24 2.72
CA ASP A 396 1.16 -4.79 4.11
C ASP A 396 1.67 -5.84 5.09
N VAL A 397 1.41 -7.13 4.85
CA VAL A 397 1.90 -8.19 5.73
C VAL A 397 3.40 -8.05 5.97
N ALA A 398 4.16 -7.78 4.91
CA ALA A 398 5.60 -7.59 5.04
C ALA A 398 5.93 -6.20 5.57
N LEU A 399 5.34 -5.17 4.98
CA LEU A 399 5.75 -3.81 5.32
C LEU A 399 5.45 -3.47 6.77
N LYS A 400 4.37 -3.99 7.34
CA LYS A 400 4.01 -3.65 8.71
CA LYS A 400 4.05 -3.59 8.71
C LYS A 400 4.99 -4.20 9.73
N ALA A 401 5.84 -5.15 9.33
CA ALA A 401 6.90 -5.65 10.19
C ALA A 401 8.12 -4.75 10.20
N ALA A 402 8.10 -3.66 9.44
CA ALA A 402 9.28 -2.81 9.28
C ALA A 402 8.90 -1.34 9.35
N PHE A 403 9.92 -0.53 9.55
CA PHE A 403 9.89 0.90 9.27
C PHE A 403 10.51 1.06 7.89
N VAL A 404 9.75 1.63 6.95
CA VAL A 404 10.12 1.61 5.54
C VAL A 404 10.33 3.03 5.04
N VAL A 405 11.50 3.28 4.47
CA VAL A 405 11.85 4.59 3.90
C VAL A 405 11.74 4.51 2.39
N PHE A 406 10.92 5.37 1.82
CA PHE A 406 10.79 5.56 0.38
C PHE A 406 11.60 6.81 0.05
N ASN A 407 12.83 6.60 -0.40
CA ASN A 407 13.78 7.68 -0.63
C ASN A 407 13.67 8.12 -2.09
N GLY A 408 13.10 9.31 -2.29
CA GLY A 408 12.88 9.86 -3.62
C GLY A 408 13.95 10.82 -4.08
N ALA A 409 15.18 10.60 -3.64
CA ALA A 409 16.33 11.29 -4.19
C ALA A 409 16.45 11.01 -5.70
N THR A 410 17.37 11.73 -6.34
CA THR A 410 17.52 11.62 -7.79
C THR A 410 17.63 10.17 -8.23
N THR A 411 18.38 9.36 -7.49
CA THR A 411 18.35 7.92 -7.67
C THR A 411 17.58 7.34 -6.48
N PRO A 412 16.33 6.93 -6.65
CA PRO A 412 15.56 6.47 -5.49
C PRO A 412 16.15 5.19 -4.90
N THR A 413 15.93 5.03 -3.60
CA THR A 413 16.27 3.81 -2.89
C THR A 413 15.15 3.51 -1.87
N LEU A 414 15.12 2.27 -1.37
N LEU A 414 15.26 2.35 -1.24
CA LEU A 414 14.27 1.90 -0.25
CA LEU A 414 14.26 1.88 -0.29
C LEU A 414 15.13 1.60 0.96
C LEU A 414 14.98 1.39 0.96
N GLY A 415 14.61 1.92 2.12
CA GLY A 415 15.22 1.53 3.38
C GLY A 415 14.27 0.72 4.23
N PHE A 416 14.81 -0.28 4.92
CA PHE A 416 14.04 -1.08 5.86
C PHE A 416 14.76 -1.16 7.20
N ALA A 417 14.02 -0.95 8.28
CA ALA A 417 14.51 -1.19 9.63
C ALA A 417 13.50 -2.04 10.38
N SER A 418 14.00 -2.84 11.32
CA SER A 418 13.13 -3.46 12.30
C SER A 418 12.59 -2.41 13.26
N LYS A 419 11.54 -2.77 14.01
CA LYS A 419 10.93 -1.80 14.91
C LYS A 419 10.28 -2.47 16.11
C4 REG B . -4.75 -9.05 -5.13
C5 REG B . -5.21 -6.31 -2.81
C6 REG B . -6.34 -4.70 -1.39
N1 REG B . -6.27 -5.51 -2.59
C7 REG B . -7.77 -4.43 -0.98
C8 REG B . -7.86 -3.60 0.28
C9 REG B . -8.59 -2.29 -0.08
C10 REG B . -8.48 -2.23 -1.54
O REG B . -4.32 -6.43 -2.00
N REG B . -5.17 -6.89 -4.00
C3 REG B . -4.15 -7.82 -4.45
C2 REG B . -3.33 -7.31 -5.55
C1 REG B . -2.64 -8.56 -6.09
C REG B . -3.62 -9.66 -5.91
O1 REG B . -8.32 -3.58 -1.98
C4 REG C . -0.83 -5.42 -8.91
C5 REG C . -2.66 -3.98 -6.61
C6 REG C . -4.48 -3.69 -5.03
N1 REG C . -3.12 -4.05 -5.35
C7 REG C . -4.91 -2.27 -5.39
C8 REG C . -6.35 -2.06 -5.06
C9 REG C . -6.42 -0.59 -4.64
C10 REG C . -5.06 -0.33 -4.10
O REG C . -3.40 -3.74 -7.54
N REG C . -1.35 -4.23 -6.77
C3 REG C . -0.66 -4.16 -8.05
C2 REG C . 0.83 -4.04 -7.88
C1 REG C . 1.40 -4.50 -9.19
C REG C . 0.50 -5.63 -9.61
O1 REG C . -4.19 -1.33 -4.61
#